data_9JXC
#
_entry.id   9JXC
#
_cell.length_a   73.129
_cell.length_b   51.348
_cell.length_c   82.047
_cell.angle_alpha   90.00
_cell.angle_beta   103.57
_cell.angle_gamma   90.00
#
_symmetry.space_group_name_H-M   'P 1 21 1'
#
loop_
_entity.id
_entity.type
_entity.pdbx_description
1 polymer 'Organic hydroperoxide resistance protein'
2 water water
#
_entity_poly.entity_id   1
_entity_poly.type   'polypeptide(L)'
_entity_poly.pdbx_seq_one_letter_code
;MSTLYSTQVKAVGGCSGTIRSEDGILELKLALPKELGGKGDATNPEQLFAAGYAACFGNAVIHVTRSNKEYKIRDNDVEV
LSTVGIVANGNGGFALTVHLDVTLSGISQADAEKIVEQTHQVCPYSNAIRGNIQVSTTVYTK
;
_entity_poly.pdbx_strand_id   B,A,C,D
#
# COMPACT_ATOMS: atom_id res chain seq x y z
N MET A 1 10.68 6.05 5.35
CA MET A 1 9.67 5.62 4.31
C MET A 1 8.62 6.71 4.17
N SER A 2 7.93 6.75 3.02
CA SER A 2 6.96 7.82 2.68
C SER A 2 5.55 7.36 3.05
N THR A 3 4.73 8.34 3.46
CA THR A 3 3.33 8.12 3.89
C THR A 3 2.59 7.51 2.70
N LEU A 4 1.91 6.37 2.93
CA LEU A 4 1.13 5.63 1.91
C LEU A 4 -0.26 6.25 1.75
N TYR A 5 -0.82 6.81 2.83
CA TYR A 5 -2.19 7.37 2.81
C TYR A 5 -2.33 8.33 4.00
N SER A 6 -2.93 9.49 3.74
CA SER A 6 -3.12 10.59 4.72
C SER A 6 -4.56 11.09 4.62
N THR A 7 -5.23 11.35 5.74
CA THR A 7 -6.65 11.81 5.74
C THR A 7 -6.84 12.85 6.83
N GLN A 8 -7.86 13.70 6.70
CA GLN A 8 -8.07 14.85 7.62
C GLN A 8 -9.52 14.83 8.08
N VAL A 9 -9.72 15.05 9.35
CA VAL A 9 -11.07 15.10 9.98
C VAL A 9 -11.10 16.36 10.83
N LYS A 10 -12.19 17.10 10.73
CA LYS A 10 -12.35 18.33 11.52
C LYS A 10 -13.41 18.05 12.59
N ALA A 11 -13.11 18.44 13.82
CA ALA A 11 -14.02 18.37 14.96
C ALA A 11 -14.37 19.79 15.40
N VAL A 12 -15.68 20.11 15.52
CA VAL A 12 -16.19 21.40 16.06
C VAL A 12 -17.31 21.12 17.07
N GLY A 13 -17.69 22.11 17.87
CA GLY A 13 -18.88 22.07 18.74
C GLY A 13 -18.62 21.34 20.05
N GLY A 14 -17.37 20.96 20.33
CA GLY A 14 -16.99 20.29 21.58
C GLY A 14 -17.62 18.91 21.74
N CYS A 15 -17.99 18.55 22.98
CA CYS A 15 -18.34 17.16 23.36
C CYS A 15 -19.63 16.77 22.64
N SER A 16 -20.46 17.78 22.35
CA SER A 16 -21.82 17.78 21.73
C SER A 16 -21.74 18.01 20.23
N GLY A 17 -20.52 18.21 19.70
CA GLY A 17 -20.34 18.76 18.34
C GLY A 17 -20.45 17.69 17.26
N THR A 18 -19.65 17.84 16.22
CA THR A 18 -19.65 17.00 15.01
C THR A 18 -18.20 16.70 14.64
N ILE A 19 -17.97 15.56 14.00
CA ILE A 19 -16.76 15.33 13.18
C ILE A 19 -17.21 15.23 11.73
N ARG A 20 -16.34 15.72 10.86
CA ARG A 20 -16.57 15.67 9.41
C ARG A 20 -15.23 15.55 8.72
N SER A 21 -15.06 14.49 7.93
CA SER A 21 -13.85 14.30 7.08
C SER A 21 -13.84 15.40 6.03
N GLU A 22 -12.66 15.76 5.55
CA GLU A 22 -12.55 16.98 4.68
C GLU A 22 -13.25 16.71 3.34
N ASP A 23 -13.42 15.45 2.92
CA ASP A 23 -14.15 15.12 1.66
C ASP A 23 -15.66 14.94 1.90
N GLY A 24 -16.13 14.97 3.14
CA GLY A 24 -17.57 14.88 3.48
C GLY A 24 -18.07 13.46 3.67
N ILE A 25 -17.30 12.42 3.32
CA ILE A 25 -17.74 10.99 3.41
C ILE A 25 -18.21 10.70 4.85
N LEU A 26 -17.32 10.84 5.82
CA LEU A 26 -17.61 10.56 7.25
C LEU A 26 -18.06 11.85 7.93
N GLU A 27 -19.30 11.88 8.39
CA GLU A 27 -19.88 13.03 9.13
C GLU A 27 -20.76 12.50 10.24
N LEU A 28 -20.47 12.86 11.48
CA LEU A 28 -21.37 12.40 12.55
C LEU A 28 -21.34 13.32 13.76
N LYS A 29 -22.40 13.16 14.52
CA LYS A 29 -22.68 13.93 15.72
C LYS A 29 -21.98 13.19 16.84
N LEU A 30 -21.52 13.93 17.84
CA LEU A 30 -20.93 13.40 19.09
C LEU A 30 -21.83 13.76 20.29
N ALA A 31 -21.87 12.87 21.29
CA ALA A 31 -22.49 13.10 22.60
C ALA A 31 -21.57 12.56 23.70
N LEU A 32 -21.49 13.29 24.83
CA LEU A 32 -21.04 12.72 26.10
C LEU A 32 -21.91 11.51 26.40
N PRO A 33 -21.33 10.33 26.71
CA PRO A 33 -22.12 9.20 27.18
C PRO A 33 -22.88 9.54 28.48
N LYS A 34 -23.91 8.76 28.76
CA LYS A 34 -24.82 9.01 29.90
C LYS A 34 -24.00 8.85 31.19
N GLU A 35 -22.99 7.96 31.17
CA GLU A 35 -22.15 7.67 32.34
C GLU A 35 -21.38 8.93 32.72
N LEU A 36 -21.19 9.87 31.78
CA LEU A 36 -20.51 11.17 32.03
C LEU A 36 -21.53 12.30 31.99
N GLY A 37 -22.81 11.98 32.18
CA GLY A 37 -23.87 12.99 32.38
C GLY A 37 -24.33 13.62 31.07
N GLY A 38 -24.00 13.02 29.92
CA GLY A 38 -24.51 13.42 28.60
C GLY A 38 -25.74 12.63 28.21
N LYS A 39 -26.28 12.83 27.00
CA LYS A 39 -27.48 12.14 26.50
C LYS A 39 -27.17 10.73 25.96
N GLY A 40 -25.93 10.40 25.57
CA GLY A 40 -25.61 9.10 24.94
C GLY A 40 -26.30 8.95 23.60
N ASP A 41 -26.47 10.07 22.90
CA ASP A 41 -27.36 10.24 21.72
C ASP A 41 -26.65 9.80 20.43
N ALA A 42 -25.34 9.58 20.50
CA ALA A 42 -24.42 9.69 19.35
C ALA A 42 -23.07 9.12 19.77
N THR A 43 -22.07 9.13 18.90
CA THR A 43 -20.75 8.50 19.18
C THR A 43 -19.87 9.43 20.03
N ASN A 44 -18.64 9.00 20.25
CA ASN A 44 -17.70 9.65 21.18
C ASN A 44 -16.30 9.13 20.84
N PRO A 45 -15.26 9.81 21.35
CA PRO A 45 -13.89 9.42 21.02
C PRO A 45 -13.57 7.97 21.35
N GLU A 46 -14.14 7.45 22.42
CA GLU A 46 -13.85 6.07 22.87
C GLU A 46 -14.37 5.08 21.83
N GLN A 47 -15.56 5.33 21.31
CA GLN A 47 -16.22 4.41 20.37
C GLN A 47 -15.52 4.49 19.02
N LEU A 48 -15.09 5.69 18.58
CA LEU A 48 -14.36 5.88 17.31
C LEU A 48 -13.02 5.14 17.38
N PHE A 49 -12.36 5.20 18.54
CA PHE A 49 -11.08 4.48 18.76
C PHE A 49 -11.31 2.96 18.70
N ALA A 50 -12.36 2.49 19.38
CA ALA A 50 -12.76 1.07 19.40
C ALA A 50 -12.99 0.61 17.95
N ALA A 51 -13.75 1.38 17.19
CA ALA A 51 -14.08 1.05 15.79
C ALA A 51 -12.79 0.96 14.97
N GLY A 52 -11.96 2.00 15.05
CA GLY A 52 -10.72 2.03 14.26
C GLY A 52 -9.81 0.89 14.66
N TYR A 53 -9.66 0.63 15.96
CA TYR A 53 -8.71 -0.39 16.44
C TYR A 53 -9.19 -1.79 15.97
N ALA A 54 -10.49 -2.04 16.07
CA ALA A 54 -11.11 -3.35 15.70
C ALA A 54 -10.87 -3.59 14.22
N ALA A 55 -11.08 -2.59 13.37
CA ALA A 55 -10.89 -2.66 11.91
C ALA A 55 -9.39 -2.78 11.60
N CYS A 56 -8.57 -1.96 12.24
CA CYS A 56 -7.12 -1.93 11.95
C CYS A 56 -6.51 -3.29 12.28
N PHE A 57 -6.87 -3.84 13.43
CA PHE A 57 -6.32 -5.13 13.92
C PHE A 57 -6.74 -6.29 13.00
N GLY A 58 -8.00 -6.34 12.57
CA GLY A 58 -8.50 -7.32 11.59
C GLY A 58 -7.75 -7.26 10.27
N ASN A 59 -7.52 -6.04 9.76
CA ASN A 59 -6.73 -5.86 8.51
C ASN A 59 -5.28 -6.34 8.74
N ALA A 60 -4.72 -6.05 9.91
CA ALA A 60 -3.29 -6.36 10.19
C ALA A 60 -3.11 -7.89 10.17
N VAL A 61 -4.11 -8.64 10.62
CA VAL A 61 -4.10 -10.13 10.65
C VAL A 61 -3.85 -10.63 9.22
N ILE A 62 -4.54 -10.07 8.22
CA ILE A 62 -4.39 -10.47 6.79
C ILE A 62 -3.01 -10.07 6.28
N HIS A 63 -2.45 -8.93 6.71
CA HIS A 63 -1.07 -8.52 6.37
C HIS A 63 -0.09 -9.61 6.87
N VAL A 64 -0.23 -10.02 8.13
CA VAL A 64 0.57 -11.15 8.73
C VAL A 64 0.40 -12.41 7.86
N THR A 65 -0.83 -12.76 7.50
CA THR A 65 -1.16 -14.07 6.86
C THR A 65 -0.56 -14.13 5.46
N ARG A 66 -0.54 -13.00 4.72
CA ARG A 66 0.00 -12.92 3.35
C ARG A 66 1.54 -12.96 3.35
N SER A 67 2.20 -12.62 4.47
CA SER A 67 3.68 -12.70 4.63
C SER A 67 4.17 -14.15 4.74
N ASN A 68 3.25 -15.12 4.80
CA ASN A 68 3.56 -16.50 5.27
C ASN A 68 2.53 -17.53 4.75
N LYS A 69 2.93 -18.79 4.56
CA LYS A 69 1.98 -19.94 4.62
C LYS A 69 2.52 -20.98 5.61
N ILE A 73 -6.25 -18.50 5.61
CA ILE A 73 -7.08 -17.53 6.38
C ILE A 73 -7.49 -16.39 5.45
N ARG A 74 -8.80 -16.14 5.39
CA ARG A 74 -9.45 -15.13 4.50
C ARG A 74 -9.88 -13.94 5.38
N ASP A 75 -10.16 -12.79 4.78
CA ASP A 75 -10.86 -11.65 5.45
C ASP A 75 -12.06 -12.15 6.28
N ASN A 76 -12.85 -13.06 5.73
CA ASN A 76 -14.11 -13.53 6.37
C ASN A 76 -13.81 -14.52 7.51
N ASP A 77 -12.55 -14.90 7.72
CA ASP A 77 -12.17 -15.78 8.86
C ASP A 77 -11.79 -14.92 10.08
N VAL A 78 -11.83 -13.59 9.97
CA VAL A 78 -11.30 -12.71 11.04
C VAL A 78 -12.41 -11.84 11.63
N GLU A 79 -12.55 -11.86 12.94
CA GLU A 79 -13.50 -10.99 13.67
C GLU A 79 -12.76 -10.38 14.86
N VAL A 80 -12.88 -9.07 15.06
CA VAL A 80 -12.30 -8.36 16.24
C VAL A 80 -13.39 -7.58 16.97
N LEU A 81 -13.45 -7.77 18.29
CA LEU A 81 -14.27 -6.99 19.23
C LEU A 81 -13.32 -6.19 20.11
N SER A 82 -13.32 -4.87 19.97
CA SER A 82 -12.53 -3.97 20.83
C SER A 82 -13.46 -3.49 21.93
N THR A 83 -12.98 -3.56 23.16
CA THR A 83 -13.60 -2.96 24.36
C THR A 83 -12.68 -1.84 24.81
N VAL A 84 -13.15 -0.62 24.62
CA VAL A 84 -12.41 0.61 24.97
C VAL A 84 -13.11 1.23 26.17
N GLY A 85 -12.36 1.40 27.24
CA GLY A 85 -12.88 2.04 28.45
C GLY A 85 -12.08 3.28 28.77
N ILE A 86 -12.58 4.00 29.76
CA ILE A 86 -12.00 5.24 30.30
C ILE A 86 -11.95 5.09 31.81
N VAL A 87 -10.75 5.12 32.39
CA VAL A 87 -10.53 4.97 33.86
C VAL A 87 -10.00 6.31 34.40
N ALA A 88 -10.43 6.73 35.59
CA ALA A 88 -9.94 7.97 36.23
C ALA A 88 -8.47 7.77 36.61
N ASN A 89 -7.60 8.74 36.29
CA ASN A 89 -6.17 8.76 36.73
C ASN A 89 -6.13 9.51 38.07
N GLY A 90 -4.96 9.66 38.69
CA GLY A 90 -4.86 10.35 40.00
C GLY A 90 -5.28 11.81 39.93
N ASN A 91 -4.81 12.52 38.89
CA ASN A 91 -4.84 14.00 38.76
C ASN A 91 -6.18 14.46 38.14
N GLY A 92 -7.25 13.67 38.25
CA GLY A 92 -8.61 14.10 37.86
C GLY A 92 -8.80 14.16 36.35
N GLY A 93 -7.99 13.42 35.57
CA GLY A 93 -8.21 13.15 34.15
C GLY A 93 -8.55 11.69 33.91
N PHE A 94 -8.57 11.27 32.63
CA PHE A 94 -8.91 9.91 32.17
C PHE A 94 -7.71 9.26 31.45
N ALA A 95 -7.61 7.92 31.51
CA ALA A 95 -6.73 7.08 30.67
C ALA A 95 -7.60 6.07 29.89
N LEU A 96 -7.24 5.77 28.64
CA LEU A 96 -7.94 4.77 27.82
C LEU A 96 -7.47 3.41 28.30
N THR A 97 -8.38 2.43 28.36
CA THR A 97 -8.03 1.00 28.45
C THR A 97 -8.56 0.33 27.18
N VAL A 98 -7.96 -0.80 26.79
CA VAL A 98 -8.32 -1.56 25.56
C VAL A 98 -8.20 -3.04 25.88
N HIS A 99 -9.28 -3.80 25.60
CA HIS A 99 -9.28 -5.28 25.48
C HIS A 99 -9.73 -5.67 24.09
N LEU A 100 -9.05 -6.63 23.47
CA LEU A 100 -9.42 -7.16 22.13
C LEU A 100 -9.86 -8.64 22.28
N ASP A 101 -11.01 -9.00 21.73
CA ASP A 101 -11.38 -10.42 21.45
C ASP A 101 -11.20 -10.67 19.96
N VAL A 102 -10.22 -11.49 19.62
CA VAL A 102 -9.89 -11.86 18.22
C VAL A 102 -10.42 -13.28 18.01
N THR A 103 -11.33 -13.47 17.06
CA THR A 103 -11.83 -14.80 16.63
C THR A 103 -11.32 -15.09 15.20
N LEU A 104 -10.52 -16.14 15.04
CA LEU A 104 -9.98 -16.62 13.75
C LEU A 104 -10.59 -17.99 13.45
N SER A 105 -11.17 -18.15 12.26
CA SER A 105 -11.80 -19.42 11.81
C SER A 105 -10.76 -20.27 11.08
N GLY A 106 -10.86 -21.58 11.25
CA GLY A 106 -10.13 -22.53 10.40
C GLY A 106 -8.66 -22.66 10.77
N ILE A 107 -8.24 -22.26 11.99
CA ILE A 107 -6.81 -22.43 12.36
C ILE A 107 -6.67 -22.94 13.80
N SER A 108 -5.56 -23.62 14.06
CA SER A 108 -5.25 -24.27 15.37
C SER A 108 -5.08 -23.19 16.42
N GLN A 109 -5.20 -23.56 17.71
CA GLN A 109 -5.09 -22.60 18.83
C GLN A 109 -3.68 -22.04 18.80
N ALA A 110 -2.67 -22.91 18.63
CA ALA A 110 -1.25 -22.50 18.58
C ALA A 110 -1.07 -21.47 17.44
N ASP A 111 -1.54 -21.77 16.24
CA ASP A 111 -1.28 -20.89 15.08
C ASP A 111 -1.96 -19.53 15.35
N ALA A 112 -3.15 -19.53 15.91
CA ALA A 112 -3.93 -18.30 16.15
C ALA A 112 -3.15 -17.41 17.13
N GLU A 113 -2.58 -18.00 18.18
CA GLU A 113 -1.80 -17.28 19.21
C GLU A 113 -0.58 -16.62 18.55
N LYS A 114 0.12 -17.33 17.69
CA LYS A 114 1.30 -16.83 16.94
C LYS A 114 0.85 -15.69 16.03
N ILE A 115 -0.18 -15.89 15.22
CA ILE A 115 -0.66 -14.84 14.28
C ILE A 115 -1.03 -13.57 15.05
N VAL A 116 -1.74 -13.69 16.16
CA VAL A 116 -2.21 -12.51 16.94
C VAL A 116 -0.99 -11.75 17.49
N GLU A 117 -0.02 -12.47 18.07
CA GLU A 117 1.24 -11.88 18.57
C GLU A 117 1.92 -11.12 17.43
N GLN A 118 2.07 -11.72 16.25
CA GLN A 118 2.73 -11.02 15.11
C GLN A 118 1.85 -9.83 14.68
N THR A 119 0.53 -9.96 14.76
CA THR A 119 -0.41 -8.90 14.31
C THR A 119 -0.20 -7.64 15.18
N HIS A 120 0.03 -7.81 16.47
CA HIS A 120 0.28 -6.66 17.38
C HIS A 120 1.55 -5.94 16.93
N GLN A 121 2.53 -6.62 16.28
CA GLN A 121 3.75 -5.93 15.78
C GLN A 121 3.47 -5.17 14.48
N VAL A 122 2.43 -5.51 13.75
CA VAL A 122 2.09 -4.90 12.42
C VAL A 122 1.11 -3.74 12.64
N CYS A 123 0.07 -3.98 13.44
CA CYS A 123 -1.07 -3.06 13.65
C CYS A 123 -0.60 -1.69 14.10
N PRO A 124 -0.85 -0.61 13.32
CA PRO A 124 -0.37 0.71 13.68
C PRO A 124 -1.04 1.23 14.96
N TYR A 125 -2.26 0.81 15.28
CA TYR A 125 -2.91 1.23 16.55
C TYR A 125 -2.10 0.62 17.72
N SER A 126 -1.74 -0.67 17.65
CA SER A 126 -0.97 -1.36 18.71
C SER A 126 0.38 -0.66 18.90
N ASN A 127 1.08 -0.39 17.79
CA ASN A 127 2.40 0.29 17.78
C ASN A 127 2.24 1.69 18.42
N ALA A 128 1.13 2.37 18.14
CA ALA A 128 0.85 3.74 18.61
C ALA A 128 0.79 3.81 20.14
N ILE A 129 0.18 2.82 20.80
CA ILE A 129 -0.26 2.94 22.23
C ILE A 129 0.63 2.09 23.14
N ARG A 130 1.52 1.28 22.59
CA ARG A 130 2.36 0.37 23.41
C ARG A 130 3.06 1.14 24.54
N GLY A 131 3.02 0.57 25.75
CA GLY A 131 3.65 1.14 26.95
C GLY A 131 2.71 2.09 27.68
N ASN A 132 1.71 2.68 27.03
CA ASN A 132 0.88 3.73 27.70
C ASN A 132 -0.45 3.10 28.08
N ILE A 133 -0.97 2.26 27.18
CA ILE A 133 -2.17 1.40 27.37
C ILE A 133 -1.65 -0.03 27.36
N GLN A 134 -1.92 -0.81 28.39
CA GLN A 134 -1.58 -2.27 28.36
C GLN A 134 -2.78 -2.96 27.71
N VAL A 135 -2.71 -3.14 26.39
CA VAL A 135 -3.74 -3.88 25.64
C VAL A 135 -3.79 -5.32 26.16
N SER A 136 -4.98 -5.77 26.55
CA SER A 136 -5.22 -7.21 26.81
C SER A 136 -5.87 -7.79 25.55
N THR A 137 -5.49 -9.03 25.20
CA THR A 137 -6.01 -9.79 24.01
C THR A 137 -6.42 -11.19 24.44
N THR A 138 -7.63 -11.60 24.08
CA THR A 138 -8.08 -13.00 24.14
C THR A 138 -8.28 -13.52 22.71
N VAL A 139 -7.62 -14.62 22.38
CA VAL A 139 -7.67 -15.31 21.06
C VAL A 139 -8.65 -16.49 21.13
N TYR A 140 -9.72 -16.41 20.34
CA TYR A 140 -10.71 -17.49 20.10
C TYR A 140 -10.51 -18.08 18.70
N THR A 141 -10.80 -19.37 18.56
CA THR A 141 -10.87 -20.06 17.24
C THR A 141 -12.25 -20.70 17.05
N LYS A 142 -12.65 -20.88 15.79
CA LYS A 142 -14.01 -21.32 15.38
C LYS A 142 -13.88 -22.25 14.15
N MET B 1 -9.40 2.08 40.17
CA MET B 1 -9.92 0.79 39.66
C MET B 1 -11.04 1.01 38.62
N SER B 2 -12.19 1.55 39.04
CA SER B 2 -13.46 1.58 38.27
C SER B 2 -13.24 1.98 36.79
N THR B 3 -13.94 1.32 35.87
CA THR B 3 -14.19 1.84 34.49
C THR B 3 -15.42 2.74 34.53
N LEU B 4 -15.27 4.01 34.17
CA LEU B 4 -16.36 5.02 34.23
C LEU B 4 -17.25 4.88 33.00
N TYR B 5 -16.66 4.54 31.87
CA TYR B 5 -17.40 4.30 30.61
C TYR B 5 -16.63 3.27 29.77
N SER B 6 -17.35 2.31 29.22
CA SER B 6 -16.81 1.23 28.37
C SER B 6 -17.70 1.05 27.16
N THR B 7 -17.10 0.85 25.99
CA THR B 7 -17.88 0.61 24.76
C THR B 7 -17.19 -0.47 23.92
N GLN B 8 -17.98 -1.20 23.11
CA GLN B 8 -17.50 -2.36 22.35
C GLN B 8 -17.88 -2.17 20.89
N VAL B 9 -16.92 -2.37 20.00
CA VAL B 9 -17.17 -2.31 18.54
C VAL B 9 -16.63 -3.61 17.93
N LYS B 10 -17.46 -4.22 17.09
CA LYS B 10 -17.14 -5.45 16.32
C LYS B 10 -16.79 -5.02 14.90
N ALA B 11 -15.67 -5.53 14.36
CA ALA B 11 -15.24 -5.33 12.97
C ALA B 11 -15.16 -6.70 12.30
N VAL B 12 -15.79 -6.83 11.14
CA VAL B 12 -15.81 -8.07 10.30
C VAL B 12 -15.55 -7.66 8.84
N GLY B 13 -15.02 -8.56 8.02
CA GLY B 13 -15.04 -8.44 6.55
C GLY B 13 -13.83 -7.72 5.98
N GLY B 14 -12.81 -7.44 6.81
CA GLY B 14 -11.55 -6.84 6.35
C GLY B 14 -11.74 -5.38 6.01
N CYS B 15 -10.85 -4.84 5.16
CA CYS B 15 -10.71 -3.39 4.88
C CYS B 15 -11.94 -2.92 4.09
N SER B 16 -12.68 -3.84 3.49
CA SER B 16 -13.96 -3.55 2.79
C SER B 16 -15.18 -4.01 3.63
N GLY B 17 -15.00 -4.27 4.93
CA GLY B 17 -16.04 -4.79 5.83
C GLY B 17 -16.84 -3.73 6.54
N THR B 18 -17.17 -3.98 7.82
CA THR B 18 -18.07 -3.13 8.64
C THR B 18 -17.57 -3.10 10.08
N ILE B 19 -17.95 -2.03 10.78
CA ILE B 19 -17.87 -1.89 12.27
C ILE B 19 -19.28 -1.59 12.79
N ARG B 20 -19.55 -2.07 13.99
CA ARG B 20 -20.88 -1.87 14.63
C ARG B 20 -20.65 -1.90 16.14
N SER B 21 -20.95 -0.80 16.81
CA SER B 21 -20.97 -0.75 18.29
C SER B 21 -22.08 -1.68 18.75
N GLU B 22 -21.91 -2.27 19.93
CA GLU B 22 -22.81 -3.29 20.50
C GLU B 22 -24.17 -2.61 20.78
N ASP B 23 -24.18 -1.35 21.23
CA ASP B 23 -25.41 -0.53 21.43
C ASP B 23 -26.01 -0.04 20.10
N GLY B 24 -25.44 -0.37 18.93
CA GLY B 24 -25.98 0.02 17.61
C GLY B 24 -25.80 1.50 17.28
N ILE B 25 -25.39 2.34 18.23
CA ILE B 25 -25.20 3.82 18.00
C ILE B 25 -24.24 4.06 16.83
N LEU B 26 -23.15 3.31 16.70
CA LEU B 26 -22.14 3.55 15.63
C LEU B 26 -22.17 2.34 14.67
N GLU B 27 -22.44 2.60 13.39
CA GLU B 27 -22.58 1.54 12.37
C GLU B 27 -22.09 2.08 11.02
N LEU B 28 -21.00 1.53 10.48
CA LEU B 28 -20.48 2.11 9.23
C LEU B 28 -19.68 1.09 8.42
N LYS B 29 -19.62 1.34 7.13
CA LYS B 29 -18.95 0.48 6.14
C LYS B 29 -17.48 0.94 6.12
N LEU B 30 -16.58 0.02 5.84
CA LEU B 30 -15.15 0.32 5.64
C LEU B 30 -14.87 0.18 4.15
N ALA B 31 -13.96 0.95 3.61
CA ALA B 31 -13.39 0.69 2.26
C ALA B 31 -11.90 0.97 2.28
N LEU B 32 -11.17 0.35 1.36
CA LEU B 32 -9.78 0.71 1.08
C LEU B 32 -9.83 2.05 0.38
N PRO B 33 -9.04 3.05 0.81
CA PRO B 33 -9.02 4.32 0.11
C PRO B 33 -8.42 4.25 -1.30
N LYS B 34 -8.78 5.24 -2.11
CA LYS B 34 -8.40 5.30 -3.54
C LYS B 34 -6.88 5.33 -3.68
N GLU B 35 -6.19 6.04 -2.78
CA GLU B 35 -4.70 6.12 -2.74
C GLU B 35 -4.09 4.72 -2.69
N LEU B 36 -4.80 3.71 -2.17
CA LEU B 36 -4.33 2.32 -2.00
C LEU B 36 -5.03 1.41 -3.03
N GLY B 37 -5.74 2.00 -3.99
CA GLY B 37 -6.35 1.26 -5.11
C GLY B 37 -7.76 0.75 -4.81
N GLY B 38 -8.43 1.31 -3.81
CA GLY B 38 -9.82 0.93 -3.49
C GLY B 38 -10.80 1.99 -3.93
N LYS B 39 -12.07 1.78 -3.63
CA LYS B 39 -13.16 2.68 -4.08
C LYS B 39 -13.14 3.96 -3.23
N GLY B 40 -12.62 3.94 -1.99
CA GLY B 40 -12.64 5.14 -1.13
C GLY B 40 -14.06 5.60 -0.87
N ASP B 41 -14.92 4.61 -0.65
CA ASP B 41 -16.41 4.68 -0.61
C ASP B 41 -16.90 5.09 0.78
N ALA B 42 -16.02 4.96 1.76
CA ALA B 42 -16.42 4.70 3.15
C ALA B 42 -15.17 4.85 4.02
N THR B 43 -15.31 4.64 5.31
CA THR B 43 -14.27 5.04 6.28
C THR B 43 -13.15 3.99 6.33
N ASN B 44 -12.18 4.24 7.19
CA ASN B 44 -10.97 3.39 7.35
C ASN B 44 -10.34 3.75 8.70
N PRO B 45 -9.41 2.91 9.23
CA PRO B 45 -8.84 3.17 10.56
C PRO B 45 -8.13 4.52 10.70
N GLU B 46 -7.56 5.07 9.64
CA GLU B 46 -6.83 6.36 9.74
C GLU B 46 -7.87 7.43 9.99
N GLN B 47 -8.96 7.41 9.22
CA GLN B 47 -10.02 8.43 9.33
C GLN B 47 -10.72 8.32 10.68
N LEU B 48 -11.00 7.10 11.18
CA LEU B 48 -11.61 6.91 12.53
C LEU B 48 -10.67 7.48 13.61
N PHE B 49 -9.37 7.26 13.52
CA PHE B 49 -8.42 7.76 14.55
C PHE B 49 -8.37 9.30 14.48
N ALA B 50 -8.34 9.87 13.29
CA ALA B 50 -8.31 11.34 13.09
C ALA B 50 -9.57 11.93 13.73
N ALA B 51 -10.72 11.25 13.57
CA ALA B 51 -12.02 11.72 14.08
C ALA B 51 -12.01 11.62 15.63
N GLY B 52 -11.57 10.49 16.17
CA GLY B 52 -11.53 10.30 17.63
C GLY B 52 -10.61 11.31 18.29
N TYR B 53 -9.41 11.51 17.74
CA TYR B 53 -8.37 12.41 18.29
C TYR B 53 -8.84 13.87 18.22
N ALA B 54 -9.33 14.29 17.05
CA ALA B 54 -9.74 15.69 16.84
C ALA B 54 -10.80 15.99 17.91
N ALA B 55 -11.74 15.07 18.08
CA ALA B 55 -12.87 15.21 19.03
C ALA B 55 -12.33 15.22 20.46
N CYS B 56 -11.50 14.24 20.78
CA CYS B 56 -10.96 14.10 22.13
C CYS B 56 -10.15 15.36 22.49
N PHE B 57 -9.29 15.79 21.58
CA PHE B 57 -8.42 16.95 21.85
C PHE B 57 -9.29 18.20 22.08
N GLY B 58 -10.28 18.44 21.23
CA GLY B 58 -11.10 19.64 21.34
C GLY B 58 -11.88 19.64 22.63
N ASN B 59 -12.40 18.48 23.00
CA ASN B 59 -13.06 18.29 24.32
C ASN B 59 -12.06 18.55 25.46
N ALA B 60 -10.82 18.06 25.37
CA ALA B 60 -9.82 18.28 26.45
C ALA B 60 -9.57 19.80 26.54
N VAL B 61 -9.49 20.53 25.42
CA VAL B 61 -9.34 22.00 25.49
C VAL B 61 -10.45 22.58 26.39
N ILE B 62 -11.69 22.14 26.22
CA ILE B 62 -12.85 22.70 26.97
C ILE B 62 -12.70 22.34 28.45
N HIS B 63 -12.46 21.06 28.76
CA HIS B 63 -12.21 20.54 30.14
C HIS B 63 -11.08 21.34 30.82
N VAL B 64 -9.93 21.51 30.14
CA VAL B 64 -8.76 22.29 30.66
C VAL B 64 -9.22 23.71 31.01
N THR B 65 -9.98 24.31 30.13
CA THR B 65 -10.28 25.76 30.08
C THR B 65 -11.42 26.08 31.06
N ARG B 66 -12.08 25.03 31.55
CA ARG B 66 -13.35 25.08 32.30
C ARG B 66 -13.14 26.01 33.50
N SER B 67 -11.90 26.05 34.02
CA SER B 67 -11.40 26.93 35.09
C SER B 67 -9.94 27.39 34.79
N ASN B 68 -9.67 27.80 33.54
CA ASN B 68 -8.66 28.85 33.19
C ASN B 68 -9.38 30.20 33.29
N LYS B 69 -10.68 30.17 33.68
CA LYS B 69 -11.47 31.26 34.29
C LYS B 69 -10.82 32.63 34.04
N GLU B 70 -11.15 33.26 32.91
CA GLU B 70 -10.55 34.51 32.40
C GLU B 70 -11.07 34.78 30.99
N TYR B 71 -11.06 33.74 30.14
CA TYR B 71 -11.62 33.74 28.76
C TYR B 71 -12.76 32.72 28.65
N LYS B 72 -12.66 31.60 29.39
CA LYS B 72 -13.72 30.56 29.49
C LYS B 72 -14.16 30.18 28.06
N ILE B 73 -13.27 29.53 27.30
CA ILE B 73 -13.50 28.97 25.93
C ILE B 73 -14.67 27.97 25.95
N ARG B 74 -15.70 28.23 25.13
CA ARG B 74 -16.97 27.47 25.03
C ARG B 74 -16.88 26.42 23.90
N ASP B 75 -17.92 25.59 23.72
CA ASP B 75 -17.98 24.53 22.69
C ASP B 75 -17.64 25.10 21.31
N ASN B 76 -18.27 26.18 20.88
CA ASN B 76 -18.08 26.72 19.51
C ASN B 76 -16.78 27.54 19.40
N ASP B 77 -15.96 27.62 20.44
CA ASP B 77 -14.69 28.37 20.42
C ASP B 77 -13.50 27.48 20.04
N VAL B 78 -13.71 26.20 19.69
CA VAL B 78 -12.61 25.21 19.51
C VAL B 78 -12.86 24.41 18.24
N GLU B 79 -11.87 24.41 17.36
CA GLU B 79 -11.83 23.59 16.14
C GLU B 79 -10.50 22.80 16.11
N VAL B 80 -10.55 21.51 15.86
CA VAL B 80 -9.33 20.68 15.69
C VAL B 80 -9.46 19.98 14.33
N LEU B 81 -8.48 20.23 13.47
CA LEU B 81 -8.29 19.46 12.22
C LEU B 81 -7.14 18.50 12.46
N SER B 82 -7.41 17.21 12.45
CA SER B 82 -6.34 16.18 12.57
C SER B 82 -6.02 15.65 11.18
N THR B 83 -4.72 15.48 10.92
CA THR B 83 -4.18 14.83 9.71
C THR B 83 -3.52 13.56 10.19
N VAL B 84 -4.08 12.43 9.79
CA VAL B 84 -3.53 11.10 10.16
C VAL B 84 -3.10 10.38 8.89
N GLY B 85 -1.84 9.94 8.88
CA GLY B 85 -1.29 9.08 7.81
C GLY B 85 -0.90 7.72 8.34
N ILE B 86 -0.65 6.77 7.44
CA ILE B 86 -0.08 5.45 7.75
C ILE B 86 1.21 5.33 6.94
N VAL B 87 2.27 4.85 7.58
CA VAL B 87 3.60 4.67 6.91
C VAL B 87 4.16 3.31 7.35
N ALA B 88 4.95 2.68 6.48
CA ALA B 88 5.68 1.46 6.85
C ALA B 88 6.67 1.84 7.95
N ASN B 89 6.83 0.98 8.93
CA ASN B 89 7.80 1.22 10.03
C ASN B 89 9.06 0.43 9.62
N GLY B 90 10.07 0.29 10.46
CA GLY B 90 11.27 -0.45 10.02
C GLY B 90 11.01 -1.94 9.77
N ASN B 91 9.89 -2.51 10.23
CA ASN B 91 9.90 -3.89 10.80
C ASN B 91 8.65 -4.69 10.42
N GLY B 92 8.25 -4.74 9.14
CA GLY B 92 7.14 -5.61 8.70
C GLY B 92 5.76 -5.07 9.07
N GLY B 93 5.68 -3.84 9.56
CA GLY B 93 4.43 -3.24 10.07
C GLY B 93 4.26 -1.78 9.69
N PHE B 94 3.38 -1.10 10.41
CA PHE B 94 2.87 0.24 10.05
C PHE B 94 2.78 1.09 11.32
N ALA B 95 2.97 2.40 11.15
CA ALA B 95 2.85 3.45 12.17
C ALA B 95 1.93 4.53 11.64
N LEU B 96 1.22 5.20 12.57
CA LEU B 96 0.45 6.42 12.29
C LEU B 96 1.36 7.62 12.44
N THR B 97 1.08 8.64 11.63
CA THR B 97 1.58 10.01 11.80
C THR B 97 0.38 10.86 12.19
N VAL B 98 0.59 11.85 13.05
CA VAL B 98 -0.51 12.74 13.52
C VAL B 98 0.00 14.17 13.54
N HIS B 99 -0.73 15.05 12.84
CA HIS B 99 -0.58 16.52 12.91
C HIS B 99 -1.95 17.08 13.32
N LEU B 100 -1.97 18.00 14.26
CA LEU B 100 -3.21 18.71 14.68
C LEU B 100 -3.07 20.18 14.30
N ASP B 101 -4.07 20.74 13.61
CA ASP B 101 -4.27 22.21 13.52
C ASP B 101 -5.36 22.56 14.52
N VAL B 102 -5.00 23.24 15.61
CA VAL B 102 -5.95 23.68 16.65
C VAL B 102 -6.25 25.18 16.49
N THR B 103 -7.53 25.54 16.33
CA THR B 103 -7.97 26.94 16.15
C THR B 103 -8.85 27.27 17.35
N LEU B 104 -8.49 28.29 18.10
CA LEU B 104 -9.24 28.75 19.29
C LEU B 104 -9.80 30.15 19.01
N SER B 105 -11.04 30.38 19.41
CA SER B 105 -11.72 31.67 19.15
C SER B 105 -11.55 32.54 20.38
N GLY B 106 -11.32 33.85 20.14
CA GLY B 106 -11.44 34.90 21.16
C GLY B 106 -10.32 34.89 22.19
N ILE B 107 -9.16 34.34 21.89
CA ILE B 107 -8.02 34.39 22.84
C ILE B 107 -6.72 34.72 22.10
N SER B 108 -5.78 35.35 22.80
CA SER B 108 -4.45 35.78 22.32
C SER B 108 -3.70 34.56 21.81
N GLN B 109 -2.77 34.76 20.89
CA GLN B 109 -1.90 33.70 20.34
C GLN B 109 -1.14 33.03 21.49
N ALA B 110 -0.57 33.80 22.43
CA ALA B 110 0.26 33.27 23.55
C ALA B 110 -0.59 32.38 24.47
N ASP B 111 -1.79 32.81 24.84
CA ASP B 111 -2.78 32.04 25.65
C ASP B 111 -3.15 30.74 24.92
N ALA B 112 -3.40 30.78 23.61
CA ALA B 112 -3.76 29.59 22.80
C ALA B 112 -2.61 28.57 22.85
N GLU B 113 -1.38 28.99 22.62
CA GLU B 113 -0.21 28.09 22.65
C GLU B 113 -0.11 27.42 24.03
N LYS B 114 -0.30 28.17 25.12
CA LYS B 114 -0.15 27.64 26.50
C LYS B 114 -1.28 26.62 26.74
N ILE B 115 -2.49 26.96 26.29
CA ILE B 115 -3.68 26.08 26.50
C ILE B 115 -3.45 24.75 25.76
N VAL B 116 -2.95 24.79 24.55
CA VAL B 116 -2.76 23.57 23.71
C VAL B 116 -1.71 22.67 24.36
N GLU B 117 -0.63 23.28 24.88
CA GLU B 117 0.49 22.55 25.52
C GLU B 117 -0.06 21.88 26.78
N GLN B 118 -0.86 22.57 27.58
CA GLN B 118 -1.54 21.95 28.75
C GLN B 118 -2.46 20.82 28.28
N THR B 119 -3.26 21.02 27.23
CA THR B 119 -4.30 20.00 26.91
C THR B 119 -3.63 18.73 26.39
N HIS B 120 -2.45 18.80 25.76
CA HIS B 120 -1.70 17.58 25.32
C HIS B 120 -1.36 16.74 26.58
N GLN B 121 -1.19 17.34 27.76
CA GLN B 121 -0.84 16.62 29.01
C GLN B 121 -2.06 15.92 29.61
N VAL B 122 -3.26 16.34 29.22
CA VAL B 122 -4.58 15.90 29.79
C VAL B 122 -5.30 15.01 28.78
N CYS B 123 -5.03 15.16 27.48
CA CYS B 123 -5.79 14.47 26.41
C CYS B 123 -5.47 12.97 26.43
N PRO B 124 -6.47 12.07 26.64
CA PRO B 124 -6.21 10.62 26.71
C PRO B 124 -5.55 10.08 25.45
N TYR B 125 -5.87 10.63 24.27
CA TYR B 125 -5.23 10.17 22.99
C TYR B 125 -3.75 10.57 22.95
N SER B 126 -3.43 11.84 23.26
CA SER B 126 -2.05 12.33 23.37
C SER B 126 -1.26 11.47 24.35
N ASN B 127 -1.85 11.16 25.51
CA ASN B 127 -1.18 10.39 26.58
C ASN B 127 -0.97 8.94 26.12
N ALA B 128 -1.92 8.40 25.35
CA ALA B 128 -1.89 7.03 24.80
C ALA B 128 -0.70 6.83 23.85
N ILE B 129 -0.33 7.83 23.05
CA ILE B 129 0.64 7.63 21.94
C ILE B 129 2.03 8.23 22.26
N ARG B 130 2.18 8.95 23.38
CA ARG B 130 3.46 9.61 23.79
C ARG B 130 4.58 8.58 23.88
N GLY B 131 5.70 8.88 23.23
CA GLY B 131 6.88 8.00 23.15
C GLY B 131 6.84 7.06 21.94
N ASN B 132 5.69 6.96 21.25
CA ASN B 132 5.52 6.08 20.07
C ASN B 132 5.28 6.95 18.83
N ILE B 133 4.43 7.96 18.94
CA ILE B 133 4.19 8.94 17.85
C ILE B 133 4.60 10.32 18.36
N GLN B 134 5.44 11.03 17.61
CA GLN B 134 5.68 12.49 17.78
C GLN B 134 4.53 13.26 17.11
N VAL B 135 3.48 13.65 17.85
CA VAL B 135 2.37 14.47 17.30
C VAL B 135 2.95 15.87 17.06
N SER B 136 2.70 16.44 15.90
CA SER B 136 3.00 17.88 15.62
C SER B 136 1.67 18.64 15.70
N THR B 137 1.73 19.87 16.19
CA THR B 137 0.58 20.73 16.49
C THR B 137 0.88 22.12 15.94
N THR B 138 -0.05 22.69 15.18
CA THR B 138 -0.02 24.12 14.80
C THR B 138 -1.24 24.77 15.43
N VAL B 139 -1.03 25.85 16.16
CA VAL B 139 -2.05 26.59 16.93
C VAL B 139 -2.42 27.87 16.17
N TYR B 140 -3.72 28.11 15.95
CA TYR B 140 -4.26 29.31 15.28
C TYR B 140 -5.32 29.94 16.18
N THR B 141 -5.54 31.26 16.03
CA THR B 141 -6.64 31.98 16.71
C THR B 141 -7.53 32.65 15.68
N LYS B 142 -8.78 32.96 16.04
CA LYS B 142 -9.70 33.71 15.15
C LYS B 142 -10.85 34.32 15.97
N MET C 1 -2.82 11.27 -6.97
CA MET C 1 -2.37 10.03 -6.25
C MET C 1 -0.84 9.96 -6.26
N SER C 2 -0.22 9.72 -5.11
CA SER C 2 1.26 9.65 -4.92
C SER C 2 1.78 8.20 -5.05
N THR C 3 2.94 8.04 -5.66
CA THR C 3 3.61 6.71 -5.84
C THR C 3 3.68 5.98 -4.50
N LEU C 4 3.24 4.74 -4.46
CA LEU C 4 3.28 3.90 -3.24
C LEU C 4 4.70 3.36 -3.05
N TYR C 5 5.34 3.02 -4.14
CA TYR C 5 6.60 2.26 -4.14
C TYR C 5 7.28 2.52 -5.48
N SER C 6 8.60 2.72 -5.42
CA SER C 6 9.48 3.02 -6.56
C SER C 6 10.79 2.28 -6.33
N THR C 7 11.36 1.70 -7.39
CA THR C 7 12.56 0.84 -7.33
C THR C 7 13.42 1.10 -8.56
N GLN C 8 14.75 1.04 -8.41
CA GLN C 8 15.72 1.33 -9.49
C GLN C 8 16.54 0.06 -9.78
N VAL C 9 16.74 -0.20 -11.07
CA VAL C 9 17.59 -1.31 -11.56
C VAL C 9 18.54 -0.75 -12.62
N LYS C 10 19.82 -1.14 -12.55
CA LYS C 10 20.85 -0.79 -13.55
C LYS C 10 21.11 -1.98 -14.47
N ALA C 11 21.07 -1.73 -15.78
CA ALA C 11 21.51 -2.67 -16.84
C ALA C 11 22.80 -2.14 -17.48
N VAL C 12 23.86 -2.95 -17.51
CA VAL C 12 25.12 -2.63 -18.23
C VAL C 12 25.54 -3.84 -19.05
N GLY C 13 26.35 -3.62 -20.08
CA GLY C 13 27.03 -4.67 -20.86
C GLY C 13 26.13 -5.31 -21.91
N GLY C 14 25.01 -4.65 -22.26
CA GLY C 14 24.12 -5.03 -23.37
C GLY C 14 23.55 -6.43 -23.18
N CYS C 15 23.22 -7.12 -24.29
CA CYS C 15 22.39 -8.36 -24.28
C CYS C 15 23.07 -9.42 -23.41
N SER C 16 24.40 -9.30 -23.22
CA SER C 16 25.34 -10.24 -22.55
C SER C 16 25.71 -9.78 -21.15
N GLY C 17 25.23 -8.61 -20.73
CA GLY C 17 25.72 -7.96 -19.50
C GLY C 17 24.90 -8.40 -18.30
N THR C 18 24.57 -7.45 -17.42
CA THR C 18 24.02 -7.71 -16.08
C THR C 18 22.91 -6.69 -15.79
N ILE C 19 21.97 -7.08 -14.94
CA ILE C 19 21.07 -6.15 -14.23
C ILE C 19 21.42 -6.24 -12.75
N ARG C 20 21.32 -5.13 -12.03
CA ARG C 20 21.48 -5.09 -10.56
C ARG C 20 20.57 -3.99 -10.00
N SER C 21 19.71 -4.33 -9.03
CA SER C 21 18.90 -3.36 -8.24
C SER C 21 19.87 -2.46 -7.44
N GLU C 22 19.51 -1.21 -7.16
CA GLU C 22 20.46 -0.28 -6.49
C GLU C 22 20.78 -0.77 -5.07
N ASP C 23 19.92 -1.60 -4.44
CA ASP C 23 20.27 -2.21 -3.12
C ASP C 23 21.09 -3.50 -3.29
N GLY C 24 21.16 -4.06 -4.50
CA GLY C 24 22.02 -5.22 -4.81
C GLY C 24 21.38 -6.55 -4.46
N ILE C 25 20.09 -6.55 -4.09
CA ILE C 25 19.29 -7.77 -3.76
C ILE C 25 19.03 -8.57 -5.04
N LEU C 26 18.61 -7.93 -6.12
CA LEU C 26 18.48 -8.56 -7.46
C LEU C 26 19.72 -8.28 -8.31
N GLU C 27 20.49 -9.31 -8.60
CA GLU C 27 21.69 -9.18 -9.45
C GLU C 27 21.71 -10.40 -10.36
N LEU C 28 21.69 -10.22 -11.67
CA LEU C 28 21.85 -11.44 -12.49
C LEU C 28 22.34 -11.12 -13.89
N LYS C 29 22.82 -12.19 -14.51
CA LYS C 29 23.50 -12.20 -15.80
C LYS C 29 22.40 -12.22 -16.86
N LEU C 30 22.62 -11.51 -17.96
CA LEU C 30 21.78 -11.54 -19.18
C LEU C 30 22.48 -12.37 -20.27
N ALA C 31 21.71 -12.96 -21.18
CA ALA C 31 22.21 -13.56 -22.44
C ALA C 31 21.12 -13.47 -23.51
N LEU C 32 21.51 -13.19 -24.75
CA LEU C 32 20.64 -13.45 -25.93
C LEU C 32 20.21 -14.91 -25.89
N PRO C 33 18.91 -15.22 -26.10
CA PRO C 33 18.48 -16.60 -26.34
C PRO C 33 19.16 -17.21 -27.59
N LYS C 34 19.30 -18.52 -27.60
CA LYS C 34 19.91 -19.29 -28.72
C LYS C 34 19.14 -18.98 -30.01
N GLU C 35 17.81 -18.87 -29.91
CA GLU C 35 16.91 -18.52 -31.04
C GLU C 35 17.33 -17.24 -31.73
N LEU C 36 17.99 -16.30 -31.05
CA LEU C 36 18.49 -15.03 -31.65
C LEU C 36 20.02 -15.07 -31.77
N GLY C 37 20.62 -16.25 -31.66
CA GLY C 37 22.06 -16.47 -31.96
C GLY C 37 22.98 -16.16 -30.78
N GLY C 38 22.47 -16.24 -29.55
CA GLY C 38 23.27 -16.14 -28.31
C GLY C 38 23.39 -17.49 -27.64
N LYS C 39 23.96 -17.51 -26.42
CA LYS C 39 24.22 -18.76 -25.65
C LYS C 39 23.00 -19.16 -24.83
N GLY C 40 22.01 -18.27 -24.63
CA GLY C 40 20.76 -18.63 -23.91
C GLY C 40 21.09 -19.18 -22.55
N ASP C 41 22.11 -18.60 -21.94
CA ASP C 41 22.94 -19.09 -20.83
C ASP C 41 22.41 -18.54 -19.50
N ALA C 42 21.42 -17.64 -19.58
CA ALA C 42 20.99 -16.73 -18.51
C ALA C 42 19.69 -16.08 -18.99
N THR C 43 19.14 -15.17 -18.20
CA THR C 43 17.78 -14.62 -18.44
C THR C 43 17.90 -13.51 -19.49
N ASN C 44 16.76 -12.88 -19.79
CA ASN C 44 16.62 -11.85 -20.85
C ASN C 44 15.39 -10.99 -20.52
N PRO C 45 15.18 -9.87 -21.25
CA PRO C 45 14.04 -9.01 -21.00
C PRO C 45 12.64 -9.67 -21.12
N GLU C 46 12.47 -10.70 -21.96
CA GLU C 46 11.18 -11.41 -22.18
C GLU C 46 10.84 -12.23 -20.92
N GLN C 47 11.84 -12.91 -20.34
CA GLN C 47 11.64 -13.80 -19.15
C GLN C 47 11.35 -12.95 -17.93
N LEU C 48 12.06 -11.84 -17.80
CA LEU C 48 11.88 -10.85 -16.72
C LEU C 48 10.45 -10.27 -16.83
N PHE C 49 9.95 -9.98 -18.04
CA PHE C 49 8.58 -9.44 -18.28
C PHE C 49 7.56 -10.52 -17.92
N ALA C 50 7.75 -11.72 -18.44
CA ALA C 50 6.91 -12.90 -18.13
C ALA C 50 6.83 -13.07 -16.62
N ALA C 51 7.95 -12.93 -15.92
CA ALA C 51 8.06 -13.16 -14.46
C ALA C 51 7.31 -12.04 -13.74
N GLY C 52 7.57 -10.78 -14.14
CA GLY C 52 6.87 -9.63 -13.57
C GLY C 52 5.37 -9.77 -13.70
N TYR C 53 4.91 -10.19 -14.87
CA TYR C 53 3.49 -10.15 -15.26
C TYR C 53 2.77 -11.28 -14.51
N ALA C 54 3.37 -12.47 -14.48
CA ALA C 54 2.81 -13.62 -13.76
C ALA C 54 2.59 -13.23 -12.29
N ALA C 55 3.63 -12.69 -11.65
CA ALA C 55 3.60 -12.22 -10.23
C ALA C 55 2.58 -11.08 -10.05
N CYS C 56 2.57 -10.09 -10.94
CA CYS C 56 1.67 -8.91 -10.84
C CYS C 56 0.21 -9.34 -10.91
N PHE C 57 -0.12 -10.17 -11.89
CA PHE C 57 -1.49 -10.64 -12.13
C PHE C 57 -1.96 -11.48 -10.94
N GLY C 58 -1.13 -12.40 -10.45
CA GLY C 58 -1.45 -13.20 -9.24
C GLY C 58 -1.81 -12.29 -8.08
N ASN C 59 -0.98 -11.30 -7.77
CA ASN C 59 -1.19 -10.38 -6.62
C ASN C 59 -2.48 -9.57 -6.89
N ALA C 60 -2.75 -9.22 -8.14
CA ALA C 60 -3.89 -8.36 -8.53
C ALA C 60 -5.20 -9.09 -8.23
N VAL C 61 -5.23 -10.39 -8.47
CA VAL C 61 -6.39 -11.27 -8.17
C VAL C 61 -6.82 -11.02 -6.70
N ILE C 62 -5.87 -10.99 -5.77
CA ILE C 62 -6.19 -10.89 -4.33
C ILE C 62 -6.70 -9.48 -4.01
N HIS C 63 -6.14 -8.42 -4.60
CA HIS C 63 -6.69 -7.04 -4.54
C HIS C 63 -8.17 -7.05 -4.96
N VAL C 64 -8.52 -7.65 -6.10
CA VAL C 64 -9.94 -7.87 -6.52
C VAL C 64 -10.71 -8.62 -5.39
N THR C 65 -10.20 -9.75 -4.90
CA THR C 65 -11.00 -10.65 -4.01
C THR C 65 -11.23 -9.95 -2.65
N ARG C 66 -10.21 -9.27 -2.13
CA ARG C 66 -10.28 -8.49 -0.87
C ARG C 66 -11.24 -7.32 -1.00
N SER C 67 -11.55 -6.85 -2.22
CA SER C 67 -12.50 -5.72 -2.44
C SER C 67 -13.97 -6.19 -2.39
N ASN C 68 -14.21 -7.48 -2.11
CA ASN C 68 -15.54 -8.15 -2.27
C ASN C 68 -15.62 -9.51 -1.57
N LYS C 69 -16.82 -10.11 -1.55
CA LYS C 69 -17.13 -11.42 -0.93
C LYS C 69 -17.88 -12.32 -1.93
N ILE C 73 -10.30 -18.32 -1.66
CA ILE C 73 -9.30 -17.62 -2.50
C ILE C 73 -8.25 -16.99 -1.57
N ARG C 74 -7.38 -17.85 -1.05
CA ARG C 74 -6.07 -17.51 -0.43
C ARG C 74 -5.08 -17.10 -1.54
N ASP C 75 -3.92 -16.57 -1.16
CA ASP C 75 -2.75 -16.48 -2.09
C ASP C 75 -2.52 -17.86 -2.72
N ASN C 76 -2.61 -18.95 -1.95
CA ASN C 76 -2.19 -20.30 -2.43
C ASN C 76 -3.33 -20.99 -3.19
N ASP C 77 -4.41 -20.27 -3.53
CA ASP C 77 -5.45 -20.73 -4.50
C ASP C 77 -5.22 -20.11 -5.89
N VAL C 78 -4.09 -19.41 -6.11
CA VAL C 78 -3.85 -18.60 -7.34
C VAL C 78 -2.51 -18.99 -7.96
N GLU C 79 -2.55 -19.42 -9.21
CA GLU C 79 -1.35 -19.74 -10.03
C GLU C 79 -1.45 -19.00 -11.38
N VAL C 80 -0.35 -18.38 -11.84
CA VAL C 80 -0.28 -17.70 -13.17
C VAL C 80 0.98 -18.18 -13.90
N LEU C 81 0.79 -18.82 -15.05
CA LEU C 81 1.84 -19.07 -16.08
C LEU C 81 1.71 -17.98 -17.14
N SER C 82 2.73 -17.13 -17.26
CA SER C 82 2.83 -16.13 -18.34
C SER C 82 3.70 -16.72 -19.45
N THR C 83 3.24 -16.66 -20.70
CA THR C 83 4.01 -17.00 -21.91
C THR C 83 4.29 -15.71 -22.69
N VAL C 84 5.56 -15.30 -22.73
CA VAL C 84 5.92 -14.07 -23.46
C VAL C 84 6.73 -14.48 -24.69
N GLY C 85 6.33 -13.95 -25.85
CA GLY C 85 7.04 -14.18 -27.11
C GLY C 85 7.55 -12.88 -27.70
N ILE C 86 8.40 -13.04 -28.69
CA ILE C 86 8.90 -11.97 -29.59
C ILE C 86 8.58 -12.40 -31.03
N VAL C 87 7.90 -11.53 -31.77
CA VAL C 87 7.53 -11.74 -33.18
C VAL C 87 8.18 -10.63 -34.01
N ALA C 88 8.56 -10.95 -35.23
CA ALA C 88 9.04 -9.93 -36.19
C ALA C 88 7.85 -9.02 -36.51
N ASN C 89 8.06 -7.71 -36.61
CA ASN C 89 7.02 -6.75 -37.08
C ASN C 89 7.33 -6.48 -38.55
N GLY C 90 6.51 -5.65 -39.20
CA GLY C 90 6.76 -5.24 -40.60
C GLY C 90 8.24 -5.07 -40.89
N ASN C 91 8.94 -4.25 -40.10
CA ASN C 91 10.11 -3.44 -40.50
C ASN C 91 11.34 -3.74 -39.63
N GLY C 92 11.67 -5.01 -39.42
CA GLY C 92 12.98 -5.44 -38.88
C GLY C 92 13.05 -5.38 -37.36
N GLY C 93 11.93 -5.05 -36.72
CA GLY C 93 11.84 -4.99 -35.25
C GLY C 93 11.09 -6.17 -34.67
N PHE C 94 10.97 -6.20 -33.36
CA PHE C 94 10.24 -7.27 -32.63
C PHE C 94 9.11 -6.58 -31.86
N ALA C 95 7.95 -7.23 -31.74
CA ALA C 95 6.88 -6.85 -30.79
C ALA C 95 6.78 -7.97 -29.75
N LEU C 96 6.39 -7.62 -28.53
CA LEU C 96 6.14 -8.59 -27.44
C LEU C 96 4.75 -9.18 -27.65
N THR C 97 4.56 -10.45 -27.31
CA THR C 97 3.25 -11.10 -27.27
C THR C 97 3.08 -11.70 -25.86
N VAL C 98 1.86 -11.76 -25.36
CA VAL C 98 1.62 -12.34 -24.03
C VAL C 98 0.37 -13.21 -24.06
N HIS C 99 0.50 -14.41 -23.51
CA HIS C 99 -0.61 -15.30 -23.14
C HIS C 99 -0.50 -15.61 -21.65
N LEU C 100 -1.60 -15.51 -20.90
CA LEU C 100 -1.65 -15.88 -19.47
C LEU C 100 -2.55 -17.12 -19.30
N ASP C 101 -2.08 -18.12 -18.55
CA ASP C 101 -2.92 -19.22 -18.03
C ASP C 101 -3.05 -19.00 -16.52
N VAL C 102 -4.28 -18.73 -16.04
CA VAL C 102 -4.55 -18.39 -14.63
C VAL C 102 -5.37 -19.53 -14.00
N THR C 103 -4.82 -20.22 -13.01
CA THR C 103 -5.52 -21.32 -12.28
C THR C 103 -5.95 -20.82 -10.90
N LEU C 104 -7.27 -20.76 -10.65
CA LEU C 104 -7.86 -20.45 -9.33
C LEU C 104 -8.51 -21.72 -8.77
N SER C 105 -8.07 -22.14 -7.57
CA SER C 105 -8.54 -23.34 -6.83
C SER C 105 -9.73 -22.98 -5.94
N GLY C 106 -10.83 -23.74 -6.07
CA GLY C 106 -11.97 -23.71 -5.15
C GLY C 106 -13.06 -22.72 -5.55
N ILE C 107 -13.27 -22.46 -6.84
CA ILE C 107 -14.41 -21.62 -7.33
C ILE C 107 -14.86 -22.14 -8.69
N SER C 108 -16.10 -21.83 -9.08
CA SER C 108 -16.69 -22.18 -10.39
C SER C 108 -15.91 -21.49 -11.51
N GLN C 109 -15.93 -22.07 -12.71
CA GLN C 109 -15.42 -21.42 -13.93
C GLN C 109 -16.09 -20.04 -14.05
N ALA C 110 -17.41 -19.97 -13.92
CA ALA C 110 -18.19 -18.70 -14.02
C ALA C 110 -17.51 -17.62 -13.18
N ASP C 111 -17.27 -17.90 -11.91
CA ASP C 111 -16.76 -16.94 -10.90
C ASP C 111 -15.31 -16.55 -11.22
N ALA C 112 -14.47 -17.54 -11.59
CA ALA C 112 -13.04 -17.36 -11.92
C ALA C 112 -12.90 -16.34 -13.05
N GLU C 113 -13.71 -16.48 -14.10
CA GLU C 113 -13.59 -15.66 -15.32
C GLU C 113 -13.91 -14.19 -15.00
N LYS C 114 -14.78 -13.91 -14.03
CA LYS C 114 -15.15 -12.52 -13.64
C LYS C 114 -14.05 -11.90 -12.79
N ILE C 115 -13.51 -12.65 -11.82
CA ILE C 115 -12.33 -12.22 -11.03
C ILE C 115 -11.18 -11.84 -11.99
N VAL C 116 -10.95 -12.66 -13.02
CA VAL C 116 -9.81 -12.54 -13.99
C VAL C 116 -10.10 -11.39 -14.96
N GLU C 117 -11.35 -11.17 -15.37
CA GLU C 117 -11.73 -9.98 -16.19
C GLU C 117 -11.53 -8.71 -15.35
N GLN C 118 -12.01 -8.72 -14.11
CA GLN C 118 -11.82 -7.61 -13.14
C GLN C 118 -10.32 -7.40 -12.92
N THR C 119 -9.56 -8.49 -12.79
CA THR C 119 -8.11 -8.46 -12.48
C THR C 119 -7.34 -7.68 -13.55
N HIS C 120 -7.68 -7.82 -14.84
CA HIS C 120 -7.02 -7.10 -15.97
C HIS C 120 -7.17 -5.56 -15.79
N GLN C 121 -8.24 -5.10 -15.13
CA GLN C 121 -8.47 -3.66 -14.83
C GLN C 121 -7.60 -3.18 -13.67
N VAL C 122 -7.21 -4.10 -12.78
CA VAL C 122 -6.39 -3.79 -11.58
C VAL C 122 -4.91 -3.86 -11.97
N CYS C 123 -4.52 -4.91 -12.66
CA CYS C 123 -3.09 -5.30 -12.88
C CYS C 123 -2.37 -4.17 -13.61
N PRO C 124 -1.33 -3.55 -12.99
CA PRO C 124 -0.61 -2.43 -13.61
C PRO C 124 0.06 -2.82 -14.94
N TYR C 125 0.52 -4.07 -15.07
CA TYR C 125 1.04 -4.59 -16.36
C TYR C 125 -0.05 -4.61 -17.45
N SER C 126 -1.26 -5.11 -17.15
CA SER C 126 -2.36 -5.15 -18.14
C SER C 126 -2.72 -3.72 -18.57
N ASN C 127 -2.80 -2.79 -17.62
CA ASN C 127 -3.09 -1.36 -17.90
C ASN C 127 -1.96 -0.75 -18.72
N ALA C 128 -0.71 -1.19 -18.49
CA ALA C 128 0.46 -0.63 -19.18
C ALA C 128 0.44 -0.96 -20.69
N ILE C 129 -0.01 -2.15 -21.06
CA ILE C 129 0.25 -2.65 -22.44
C ILE C 129 -1.03 -2.63 -23.28
N ARG C 130 -2.20 -2.33 -22.72
CA ARG C 130 -3.50 -2.39 -23.45
C ARG C 130 -3.41 -1.56 -24.75
N GLY C 131 -3.80 -2.14 -25.87
CA GLY C 131 -3.83 -1.47 -27.18
C GLY C 131 -2.58 -1.81 -27.96
N ASN C 132 -1.50 -2.16 -27.27
CA ASN C 132 -0.17 -2.35 -27.91
C ASN C 132 0.05 -3.86 -28.07
N ILE C 133 -0.05 -4.60 -26.98
CA ILE C 133 -0.08 -6.08 -26.94
C ILE C 133 -1.53 -6.50 -26.68
N GLN C 134 -2.14 -7.32 -27.53
CA GLN C 134 -3.46 -7.93 -27.25
C GLN C 134 -3.18 -9.17 -26.38
N VAL C 135 -3.32 -9.04 -25.08
CA VAL C 135 -3.07 -10.19 -24.15
C VAL C 135 -4.19 -11.21 -24.33
N SER C 136 -3.87 -12.49 -24.48
CA SER C 136 -4.88 -13.57 -24.43
C SER C 136 -4.78 -14.22 -23.05
N THR C 137 -5.93 -14.59 -22.46
CA THR C 137 -6.01 -15.26 -21.14
C THR C 137 -6.85 -16.54 -21.32
N THR C 138 -6.38 -17.67 -20.79
CA THR C 138 -7.19 -18.90 -20.54
C THR C 138 -7.30 -19.12 -19.02
N VAL C 139 -8.52 -19.28 -18.53
CA VAL C 139 -8.84 -19.48 -17.08
C VAL C 139 -9.06 -20.99 -16.81
N TYR C 140 -8.47 -21.48 -15.73
CA TYR C 140 -8.59 -22.87 -15.24
C TYR C 140 -9.03 -22.85 -13.78
N THR C 141 -9.91 -23.77 -13.40
CA THR C 141 -10.38 -24.04 -12.03
C THR C 141 -9.95 -25.47 -11.68
N LYS C 142 -9.79 -25.79 -10.38
CA LYS C 142 -8.89 -26.87 -9.90
C LYS C 142 -9.47 -27.50 -8.62
N MET D 1 3.44 -14.11 -38.67
CA MET D 1 2.76 -15.26 -37.96
C MET D 1 3.67 -15.86 -36.87
N SER D 2 4.96 -16.10 -37.12
CA SER D 2 5.83 -16.98 -36.28
C SER D 2 6.36 -16.28 -35.01
N THR D 3 6.50 -17.04 -33.94
CA THR D 3 7.16 -16.62 -32.67
C THR D 3 8.63 -17.02 -32.76
N LEU D 4 9.53 -16.04 -32.83
CA LEU D 4 11.00 -16.26 -32.94
C LEU D 4 11.56 -16.72 -31.60
N TYR D 5 10.97 -16.28 -30.48
CA TYR D 5 11.38 -16.75 -29.15
C TYR D 5 10.20 -16.62 -28.20
N SER D 6 10.02 -17.63 -27.35
CA SER D 6 8.91 -17.74 -26.37
C SER D 6 9.44 -18.31 -25.05
N THR D 7 9.01 -17.73 -23.93
CA THR D 7 9.38 -18.20 -22.58
C THR D 7 8.15 -18.16 -21.68
N GLN D 8 8.09 -19.11 -20.75
CA GLN D 8 6.96 -19.23 -19.80
C GLN D 8 7.55 -19.15 -18.40
N VAL D 9 6.85 -18.43 -17.53
CA VAL D 9 7.23 -18.32 -16.09
C VAL D 9 5.95 -18.54 -15.30
N LYS D 10 6.04 -19.36 -14.27
CA LYS D 10 4.91 -19.63 -13.33
C LYS D 10 5.15 -18.81 -12.06
N ALA D 11 4.10 -18.15 -11.59
CA ALA D 11 4.09 -17.39 -10.33
C ALA D 11 3.09 -18.05 -9.39
N VAL D 12 3.50 -18.30 -8.14
CA VAL D 12 2.64 -18.91 -7.09
C VAL D 12 2.95 -18.25 -5.74
N GLY D 13 2.02 -18.28 -4.78
CA GLY D 13 2.26 -17.96 -3.36
C GLY D 13 2.13 -16.47 -3.06
N GLY D 14 1.55 -15.69 -3.97
CA GLY D 14 1.26 -14.25 -3.81
C GLY D 14 2.53 -13.40 -3.74
N CYS D 15 2.48 -12.26 -3.03
CA CYS D 15 3.56 -11.24 -3.05
C CYS D 15 4.81 -11.79 -2.35
N SER D 16 4.63 -12.82 -1.50
CA SER D 16 5.73 -13.51 -0.75
C SER D 16 6.06 -14.84 -1.43
N GLY D 17 5.52 -15.08 -2.62
CA GLY D 17 5.65 -16.36 -3.37
C GLY D 17 6.98 -16.48 -4.10
N THR D 18 6.93 -17.13 -5.26
CA THR D 18 8.09 -17.49 -6.11
C THR D 18 7.68 -17.38 -7.58
N ILE D 19 8.64 -17.06 -8.43
CA ILE D 19 8.56 -17.21 -9.90
C ILE D 19 9.65 -18.20 -10.30
N ARG D 20 9.36 -19.00 -11.33
CA ARG D 20 10.28 -20.00 -11.93
C ARG D 20 9.96 -20.11 -13.43
N SER D 21 10.97 -19.89 -14.29
CA SER D 21 10.86 -20.12 -15.74
C SER D 21 10.86 -21.64 -15.97
N GLU D 22 10.13 -22.09 -17.00
CA GLU D 22 9.98 -23.53 -17.33
C GLU D 22 11.37 -24.11 -17.62
N ASP D 23 12.32 -23.33 -18.13
CA ASP D 23 13.70 -23.79 -18.43
C ASP D 23 14.60 -23.73 -17.20
N GLY D 24 14.11 -23.22 -16.05
CA GLY D 24 14.82 -23.26 -14.76
C GLY D 24 15.91 -22.20 -14.61
N ILE D 25 16.25 -21.47 -15.68
CA ILE D 25 17.25 -20.35 -15.70
C ILE D 25 16.89 -19.26 -14.68
N LEU D 26 15.61 -18.86 -14.63
CA LEU D 26 15.17 -17.77 -13.74
C LEU D 26 14.27 -18.38 -12.66
N GLU D 27 14.79 -18.47 -11.44
CA GLU D 27 14.02 -18.87 -10.24
C GLU D 27 14.31 -17.84 -9.15
N LEU D 28 13.30 -17.12 -8.66
CA LEU D 28 13.57 -16.21 -7.52
C LEU D 28 12.33 -16.05 -6.65
N LYS D 29 12.56 -15.67 -5.42
CA LYS D 29 11.50 -15.48 -4.40
C LYS D 29 10.97 -14.05 -4.59
N LEU D 30 9.69 -13.84 -4.24
CA LEU D 30 9.03 -12.52 -4.18
C LEU D 30 8.93 -12.10 -2.71
N ALA D 31 8.99 -10.80 -2.45
CA ALA D 31 8.65 -10.20 -1.14
C ALA D 31 7.94 -8.87 -1.41
N LEU D 32 6.91 -8.58 -0.62
CA LEU D 32 6.36 -7.21 -0.49
C LEU D 32 7.54 -6.32 -0.09
N PRO D 33 7.77 -5.17 -0.74
CA PRO D 33 8.85 -4.29 -0.32
C PRO D 33 8.57 -3.73 1.08
N LYS D 34 9.63 -3.26 1.74
CA LYS D 34 9.57 -2.60 3.07
C LYS D 34 8.61 -1.39 3.00
N GLU D 35 8.67 -0.61 1.92
CA GLU D 35 7.78 0.55 1.66
C GLU D 35 6.31 0.17 1.91
N LEU D 36 5.93 -1.08 1.62
CA LEU D 36 4.53 -1.55 1.71
C LEU D 36 4.34 -2.42 2.96
N GLY D 37 5.25 -2.37 3.92
CA GLY D 37 5.13 -3.11 5.19
C GLY D 37 5.59 -4.56 5.08
N GLY D 38 6.32 -4.94 4.03
CA GLY D 38 6.87 -6.31 3.90
C GLY D 38 8.33 -6.36 4.33
N LYS D 39 8.94 -7.54 4.26
CA LYS D 39 10.36 -7.75 4.63
C LYS D 39 11.28 -7.20 3.54
N GLY D 40 10.85 -7.21 2.27
CA GLY D 40 11.63 -6.72 1.12
C GLY D 40 12.99 -7.39 1.00
N ASP D 41 13.07 -8.69 1.21
CA ASP D 41 14.37 -9.40 1.16
C ASP D 41 14.42 -10.17 -0.17
N ALA D 42 13.59 -9.78 -1.15
CA ALA D 42 13.40 -10.49 -2.45
C ALA D 42 12.70 -9.54 -3.42
N THR D 43 12.47 -10.00 -4.66
CA THR D 43 12.09 -9.10 -5.78
C THR D 43 10.56 -8.91 -5.80
N ASN D 44 10.08 -8.21 -6.82
CA ASN D 44 8.66 -7.80 -6.92
C ASN D 44 8.41 -7.40 -8.36
N PRO D 45 7.14 -7.32 -8.81
CA PRO D 45 6.85 -6.96 -10.20
C PRO D 45 7.42 -5.60 -10.69
N GLU D 46 7.54 -4.59 -9.83
CA GLU D 46 8.10 -3.25 -10.21
C GLU D 46 9.60 -3.43 -10.56
N GLN D 47 10.34 -4.12 -9.68
CA GLN D 47 11.77 -4.37 -9.85
C GLN D 47 11.95 -5.28 -11.07
N LEU D 48 11.11 -6.29 -11.27
CA LEU D 48 11.23 -7.18 -12.44
C LEU D 48 11.02 -6.37 -13.72
N PHE D 49 10.03 -5.46 -13.73
CA PHE D 49 9.76 -4.58 -14.91
C PHE D 49 10.95 -3.64 -15.16
N ALA D 50 11.51 -3.06 -14.11
CA ALA D 50 12.66 -2.14 -14.12
C ALA D 50 13.87 -2.85 -14.75
N ALA D 51 14.09 -4.12 -14.37
CA ALA D 51 15.20 -4.95 -14.84
C ALA D 51 15.01 -5.24 -16.34
N GLY D 52 13.82 -5.68 -16.74
CA GLY D 52 13.52 -6.05 -18.14
C GLY D 52 13.66 -4.84 -19.05
N TYR D 53 13.15 -3.70 -18.61
CA TYR D 53 13.10 -2.47 -19.42
C TYR D 53 14.52 -1.94 -19.53
N ALA D 54 15.23 -1.82 -18.42
CA ALA D 54 16.64 -1.32 -18.43
C ALA D 54 17.44 -2.12 -19.48
N ALA D 55 17.33 -3.44 -19.44
CA ALA D 55 18.12 -4.38 -20.29
C ALA D 55 17.68 -4.24 -21.75
N CYS D 56 16.36 -4.28 -22.00
CA CYS D 56 15.73 -4.17 -23.35
C CYS D 56 16.17 -2.83 -23.95
N PHE D 57 16.04 -1.75 -23.20
CA PHE D 57 16.39 -0.41 -23.72
C PHE D 57 17.89 -0.39 -24.08
N GLY D 58 18.76 -0.78 -23.16
CA GLY D 58 20.23 -0.80 -23.38
C GLY D 58 20.56 -1.59 -24.63
N ASN D 59 19.92 -2.74 -24.78
CA ASN D 59 20.16 -3.63 -25.94
C ASN D 59 19.66 -2.98 -27.24
N ALA D 60 18.57 -2.24 -27.20
CA ALA D 60 18.04 -1.54 -28.39
C ALA D 60 18.98 -0.38 -28.79
N VAL D 61 19.61 0.29 -27.83
CA VAL D 61 20.64 1.32 -28.09
C VAL D 61 21.77 0.69 -28.94
N ILE D 62 22.30 -0.45 -28.51
CA ILE D 62 23.38 -1.20 -29.23
C ILE D 62 22.88 -1.61 -30.63
N HIS D 63 21.72 -2.27 -30.75
CA HIS D 63 21.10 -2.63 -32.05
C HIS D 63 21.04 -1.39 -32.95
N VAL D 64 20.67 -0.23 -32.40
CA VAL D 64 20.48 1.05 -33.15
C VAL D 64 21.85 1.55 -33.63
N THR D 65 22.86 1.43 -32.78
CA THR D 65 24.23 1.98 -32.95
C THR D 65 25.02 1.03 -33.86
N ARG D 66 24.89 -0.29 -33.65
CA ARG D 66 25.32 -1.37 -34.61
C ARG D 66 25.48 -0.73 -35.99
N SER D 67 24.43 -0.03 -36.43
CA SER D 67 24.26 0.60 -37.76
C SER D 67 24.33 2.14 -37.63
N ASN D 68 25.36 2.64 -36.94
CA ASN D 68 25.74 4.09 -36.96
C ASN D 68 27.25 4.23 -36.74
N LYS D 69 28.00 3.14 -36.99
CA LYS D 69 29.42 3.13 -37.45
C LYS D 69 29.91 4.56 -37.69
N GLU D 70 30.89 5.01 -36.90
CA GLU D 70 31.35 6.41 -36.77
C GLU D 70 31.99 6.55 -35.39
N TYR D 71 31.20 6.18 -34.37
CA TYR D 71 31.64 5.94 -32.97
C TYR D 71 31.66 4.43 -32.72
N LYS D 72 30.69 3.70 -33.30
CA LYS D 72 30.51 2.23 -33.14
C LYS D 72 30.67 1.90 -31.64
N ILE D 73 29.73 2.40 -30.83
CA ILE D 73 29.61 2.14 -29.36
C ILE D 73 29.50 0.63 -29.13
N ARG D 74 30.27 0.12 -28.16
CA ARG D 74 30.27 -1.31 -27.74
C ARG D 74 29.38 -1.48 -26.48
N ASP D 75 29.31 -2.71 -25.96
CA ASP D 75 28.36 -3.14 -24.90
C ASP D 75 28.60 -2.36 -23.60
N ASN D 76 29.85 -2.31 -23.15
CA ASN D 76 30.35 -1.59 -21.95
C ASN D 76 30.03 -0.08 -22.00
N ASP D 77 29.84 0.50 -23.18
CA ASP D 77 29.61 1.97 -23.32
C ASP D 77 28.14 2.34 -23.00
N VAL D 78 27.28 1.41 -22.60
CA VAL D 78 25.81 1.69 -22.46
C VAL D 78 25.33 1.32 -21.07
N GLU D 79 24.86 2.30 -20.30
CA GLU D 79 24.16 2.01 -19.01
C GLU D 79 22.73 2.57 -19.07
N VAL D 80 21.79 1.78 -18.57
CA VAL D 80 20.39 2.21 -18.32
C VAL D 80 20.04 1.91 -16.87
N LEU D 81 19.64 2.98 -16.19
CA LEU D 81 19.02 2.94 -14.85
C LEU D 81 17.53 3.23 -15.05
N SER D 82 16.67 2.27 -14.77
CA SER D 82 15.21 2.46 -14.81
C SER D 82 14.67 2.63 -13.39
N THR D 83 13.75 3.57 -13.21
CA THR D 83 12.98 3.81 -11.97
C THR D 83 11.54 3.49 -12.30
N VAL D 84 11.02 2.44 -11.70
CA VAL D 84 9.63 1.99 -11.94
C VAL D 84 8.90 2.17 -10.61
N GLY D 85 7.74 2.82 -10.68
CA GLY D 85 6.86 3.10 -9.54
C GLY D 85 5.50 2.46 -9.77
N ILE D 86 4.78 2.19 -8.69
CA ILE D 86 3.36 1.77 -8.75
C ILE D 86 2.53 2.86 -8.08
N VAL D 87 1.50 3.30 -8.80
CA VAL D 87 0.59 4.33 -8.24
C VAL D 87 -0.83 3.80 -8.46
N ALA D 88 -1.73 4.16 -7.56
CA ALA D 88 -3.19 3.94 -7.73
C ALA D 88 -3.64 4.77 -8.92
N ASN D 89 -4.41 4.18 -9.82
CA ASN D 89 -5.04 4.94 -10.93
C ASN D 89 -6.37 5.38 -10.29
N GLY D 90 -7.12 6.29 -10.86
CA GLY D 90 -8.29 6.79 -10.12
C GLY D 90 -9.48 5.84 -10.21
N ASN D 91 -9.24 4.56 -10.48
CA ASN D 91 -10.28 3.65 -11.03
C ASN D 91 -10.14 2.25 -10.42
N GLY D 92 -9.81 2.14 -9.13
CA GLY D 92 -9.77 0.83 -8.42
C GLY D 92 -8.63 -0.05 -8.87
N GLY D 93 -7.64 0.53 -9.58
CA GLY D 93 -6.50 -0.22 -10.12
C GLY D 93 -5.18 0.45 -9.84
N PHE D 94 -4.15 -0.04 -10.52
CA PHE D 94 -2.77 0.49 -10.41
C PHE D 94 -2.15 0.69 -11.79
N ALA D 95 -1.28 1.68 -11.88
CA ALA D 95 -0.47 2.02 -13.05
C ALA D 95 1.00 1.99 -12.60
N LEU D 96 1.87 1.64 -13.55
CA LEU D 96 3.33 1.85 -13.44
C LEU D 96 3.66 3.26 -13.90
N THR D 97 4.69 3.83 -13.27
CA THR D 97 5.41 5.00 -13.78
C THR D 97 6.80 4.52 -14.19
N VAL D 98 7.39 5.12 -15.21
CA VAL D 98 8.76 4.73 -15.65
C VAL D 98 9.62 5.95 -15.93
N HIS D 99 10.81 6.00 -15.32
CA HIS D 99 11.86 6.96 -15.70
C HIS D 99 13.09 6.15 -16.09
N LEU D 100 13.67 6.46 -17.24
CA LEU D 100 14.99 5.94 -17.67
C LEU D 100 16.03 7.06 -17.56
N ASP D 101 17.16 6.75 -16.89
CA ASP D 101 18.45 7.48 -17.05
C ASP D 101 19.36 6.62 -17.93
N VAL D 102 19.72 7.14 -19.10
CA VAL D 102 20.57 6.43 -20.09
C VAL D 102 21.94 7.13 -20.17
N THR D 103 23.03 6.42 -19.87
CA THR D 103 24.42 6.96 -19.94
C THR D 103 25.17 6.22 -21.06
N LEU D 104 25.63 6.98 -22.05
CA LEU D 104 26.45 6.49 -23.20
C LEU D 104 27.84 7.14 -23.16
N SER D 105 28.90 6.33 -23.08
CA SER D 105 30.32 6.77 -23.02
C SER D 105 30.87 7.05 -24.43
N GLY D 106 31.70 8.09 -24.55
CA GLY D 106 32.59 8.33 -25.69
C GLY D 106 31.86 8.90 -26.90
N ILE D 107 30.76 9.65 -26.70
CA ILE D 107 30.05 10.37 -27.80
C ILE D 107 29.46 11.68 -27.24
N SER D 108 29.04 12.57 -28.12
CA SER D 108 28.51 13.90 -27.72
C SER D 108 27.15 13.72 -27.05
N GLN D 109 26.88 14.58 -26.09
CA GLN D 109 25.53 14.76 -25.49
C GLN D 109 24.51 14.86 -26.65
N ALA D 110 24.75 15.68 -27.67
CA ALA D 110 23.82 15.96 -28.79
C ALA D 110 23.37 14.67 -29.49
N ASP D 111 24.33 13.84 -29.88
CA ASP D 111 24.14 12.59 -30.65
C ASP D 111 23.53 11.53 -29.71
N ALA D 112 23.93 11.53 -28.45
CA ALA D 112 23.37 10.62 -27.42
C ALA D 112 21.87 10.87 -27.38
N GLU D 113 21.44 12.13 -27.41
CA GLU D 113 20.00 12.48 -27.33
C GLU D 113 19.32 11.96 -28.60
N LYS D 114 19.94 12.05 -29.79
CA LYS D 114 19.33 11.51 -31.04
C LYS D 114 19.32 9.96 -31.00
N ILE D 115 20.37 9.31 -30.53
CA ILE D 115 20.42 7.81 -30.45
C ILE D 115 19.25 7.34 -29.56
N VAL D 116 19.16 7.90 -28.36
CA VAL D 116 18.13 7.53 -27.35
C VAL D 116 16.74 7.78 -27.93
N GLU D 117 16.48 8.91 -28.59
CA GLU D 117 15.12 9.21 -29.11
C GLU D 117 14.79 8.17 -30.22
N GLN D 118 15.78 7.75 -31.00
CA GLN D 118 15.61 6.69 -32.03
C GLN D 118 15.36 5.32 -31.36
N THR D 119 15.95 5.01 -30.21
CA THR D 119 15.84 3.62 -29.66
C THR D 119 14.47 3.41 -29.01
N HIS D 120 13.83 4.44 -28.47
CA HIS D 120 12.42 4.38 -27.98
C HIS D 120 11.46 3.85 -29.06
N GLN D 121 11.73 4.08 -30.36
CA GLN D 121 10.80 3.71 -31.46
C GLN D 121 11.01 2.23 -31.80
N VAL D 122 12.10 1.65 -31.34
CA VAL D 122 12.55 0.29 -31.74
C VAL D 122 12.60 -0.59 -30.49
N CYS D 123 12.43 -0.02 -29.29
CA CYS D 123 12.46 -0.77 -28.02
C CYS D 123 11.12 -1.47 -27.80
N PRO D 124 11.03 -2.82 -27.81
CA PRO D 124 9.74 -3.50 -27.61
C PRO D 124 8.97 -3.09 -26.33
N TYR D 125 9.68 -2.81 -25.24
CA TYR D 125 9.05 -2.32 -23.97
C TYR D 125 8.44 -0.93 -24.17
N SER D 126 9.21 0.01 -24.72
CA SER D 126 8.70 1.37 -25.05
C SER D 126 7.46 1.27 -25.93
N ASN D 127 7.49 0.41 -26.96
CA ASN D 127 6.34 0.27 -27.92
C ASN D 127 5.16 -0.37 -27.21
N ALA D 128 5.43 -1.30 -26.29
CA ALA D 128 4.39 -2.04 -25.54
C ALA D 128 3.54 -1.09 -24.65
N ILE D 129 4.10 0.00 -24.15
CA ILE D 129 3.46 0.87 -23.11
C ILE D 129 3.11 2.27 -23.67
N ARG D 130 3.41 2.60 -24.93
CA ARG D 130 3.16 3.96 -25.47
C ARG D 130 1.65 4.21 -25.55
N GLY D 131 1.21 5.41 -25.13
CA GLY D 131 -0.21 5.77 -25.08
C GLY D 131 -0.86 5.42 -23.73
N ASN D 132 -0.19 4.62 -22.89
CA ASN D 132 -0.70 4.22 -21.55
C ASN D 132 0.20 4.77 -20.44
N ILE D 133 1.50 4.65 -20.62
CA ILE D 133 2.51 5.23 -19.69
C ILE D 133 3.33 6.25 -20.48
N GLN D 134 3.41 7.46 -19.94
CA GLN D 134 4.35 8.51 -20.40
C GLN D 134 5.72 8.20 -19.77
N VAL D 135 6.58 7.54 -20.49
CA VAL D 135 7.96 7.26 -20.03
C VAL D 135 8.76 8.56 -20.09
N SER D 136 9.47 8.94 -19.03
CA SER D 136 10.42 10.09 -19.09
C SER D 136 11.85 9.55 -19.15
N THR D 137 12.70 10.21 -19.94
CA THR D 137 14.09 9.80 -20.25
C THR D 137 15.07 10.97 -20.03
N THR D 138 16.14 10.76 -19.27
CA THR D 138 17.28 11.71 -19.19
C THR D 138 18.54 11.00 -19.70
N VAL D 139 19.30 11.69 -20.54
CA VAL D 139 20.47 11.17 -21.30
C VAL D 139 21.74 11.82 -20.73
N TYR D 140 22.68 11.01 -20.27
CA TYR D 140 24.01 11.41 -19.76
C TYR D 140 25.10 10.84 -20.68
N THR D 141 26.28 11.47 -20.66
CA THR D 141 27.51 11.07 -21.42
C THR D 141 28.75 11.10 -20.51
N LYS D 142 29.67 10.14 -20.64
CA LYS D 142 30.89 10.05 -19.79
C LYS D 142 32.04 9.41 -20.60
#